data_1QDQ
#
_entry.id   1QDQ
#
_cell.length_a   73.06
_cell.length_b   73.06
_cell.length_c   141.79
_cell.angle_alpha   90
_cell.angle_beta   90
_cell.angle_gamma   90
#
_symmetry.space_group_name_H-M   'P 43 21 2'
#
loop_
_entity.id
_entity.type
_entity.pdbx_description
1 polymer 'CATHEPSIN B'
2 non-polymer [PROPYLAMINO-3-HYDROXY-BUTAN-1,4-DIONYL]-ISOLEUCYL-PROLINE
3 water water
#
_entity_poly.entity_id   1
_entity_poly.type   'polypeptide(L)'
_entity_poly.pdbx_seq_one_letter_code
;LPESFDAREQWPNCPTIKEIRDQGSCGSCWAFGAVEAISDRICIHSNGRVNVEVSAEDMLTCCGGECGDGCNGGEPSGAW
NFWTKKGLVSGGLYNSHVGCRPYSIPPCEHHVNGSRPPCTGEGDTPKCSKTCEPGYSPSYKEDKHFGCSSYSVANNEKEI
MAEIYKNGPVEGAFSVYSDFLLYKSGVYQHVSGEIMGGHAIRILGWGVENGTPYWLVANSWNTDWGDNGFFKILRGQDHC
GIESEIVAGMPCT
;
_entity_poly.pdbx_strand_id   A
#
# COMPACT_ATOMS: atom_id res chain seq x y z
N LEU A 1 -3.25 -16.01 -18.64
CA LEU A 1 -3.09 -14.67 -18.14
C LEU A 1 -2.20 -14.07 -19.20
N PRO A 2 -2.32 -12.78 -19.52
CA PRO A 2 -1.35 -12.08 -20.35
C PRO A 2 0.10 -12.08 -19.83
N GLU A 3 0.98 -11.75 -20.76
CA GLU A 3 2.39 -11.60 -20.48
C GLU A 3 2.69 -10.35 -19.64
N SER A 4 1.82 -9.36 -19.71
CA SER A 4 1.98 -8.09 -19.02
C SER A 4 0.63 -7.66 -18.52
N PHE A 5 0.53 -6.84 -17.51
CA PHE A 5 -0.76 -6.36 -17.08
C PHE A 5 -0.39 -5.23 -16.15
N ASP A 6 -1.08 -4.11 -16.35
CA ASP A 6 -0.90 -2.95 -15.53
C ASP A 6 -2.30 -2.53 -15.14
N ALA A 7 -2.61 -2.69 -13.87
CA ALA A 7 -3.95 -2.36 -13.40
C ALA A 7 -4.32 -0.89 -13.64
N ARG A 8 -3.37 0.06 -13.76
CA ARG A 8 -3.68 1.45 -14.08
C ARG A 8 -4.40 1.60 -15.43
N GLU A 9 -3.97 0.80 -16.39
CA GLU A 9 -4.52 0.81 -17.72
C GLU A 9 -5.81 0.06 -17.93
N GLN A 10 -5.92 -0.99 -17.13
CA GLN A 10 -7.04 -1.89 -17.15
C GLN A 10 -8.26 -1.35 -16.51
N TRP A 11 -8.13 -0.57 -15.43
CA TRP A 11 -9.27 0.07 -14.84
C TRP A 11 -9.16 1.59 -14.89
N PRO A 12 -9.35 2.28 -16.03
CA PRO A 12 -9.10 3.72 -16.21
C PRO A 12 -9.92 4.60 -15.26
N ASN A 13 -11.05 4.05 -14.86
CA ASN A 13 -11.97 4.79 -14.06
C ASN A 13 -11.61 4.73 -12.61
N CYS A 14 -10.54 4.09 -12.20
CA CYS A 14 -10.15 4.03 -10.79
C CYS A 14 -8.80 4.72 -10.61
N PRO A 15 -8.76 6.05 -10.57
CA PRO A 15 -7.52 6.78 -10.46
C PRO A 15 -6.77 6.52 -9.16
N THR A 16 -7.28 5.90 -8.08
CA THR A 16 -6.45 5.56 -6.89
C THR A 16 -5.34 4.59 -7.29
N ILE A 17 -5.51 3.80 -8.36
CA ILE A 17 -4.52 2.84 -8.75
C ILE A 17 -3.23 3.52 -9.25
N LYS A 18 -3.32 4.79 -9.71
CA LYS A 18 -2.18 5.55 -10.18
C LYS A 18 -1.54 6.33 -9.05
N GLU A 19 -2.17 6.47 -7.87
CA GLU A 19 -1.62 7.32 -6.83
C GLU A 19 -0.47 6.66 -6.10
N ILE A 20 0.44 7.48 -5.60
CA ILE A 20 1.56 7.07 -4.78
C ILE A 20 1.42 7.89 -3.52
N ARG A 21 1.27 7.32 -2.32
CA ARG A 21 1.19 8.07 -1.07
C ARG A 21 2.54 8.25 -0.38
N ASP A 22 2.60 8.90 0.78
CA ASP A 22 3.87 9.01 1.49
C ASP A 22 3.62 8.63 2.96
N GLN A 23 4.17 7.51 3.45
CA GLN A 23 4.01 7.11 4.86
C GLN A 23 4.68 8.03 5.88
N GLY A 24 5.43 9.06 5.48
CA GLY A 24 6.09 9.93 6.44
C GLY A 24 7.18 9.16 7.15
N SER A 25 7.63 9.74 8.28
CA SER A 25 8.66 9.15 9.11
C SER A 25 7.95 8.23 10.10
N CYS A 26 7.43 7.09 9.64
CA CYS A 26 6.62 6.20 10.46
C CYS A 26 6.69 4.84 9.82
N GLY A 27 6.89 3.75 10.55
CA GLY A 27 6.90 2.43 9.96
C GLY A 27 5.47 1.95 9.76
N SER A 28 4.67 2.71 9.01
CA SER A 28 3.26 2.45 8.78
C SER A 28 3.03 1.80 7.42
N CYS A 29 4.10 1.32 6.80
CA CYS A 29 4.07 0.70 5.50
C CYS A 29 3.04 -0.46 5.41
N TRP A 30 2.85 -1.28 6.49
CA TRP A 30 1.86 -2.35 6.54
C TRP A 30 0.40 -1.86 6.28
N ALA A 31 0.12 -0.64 6.81
CA ALA A 31 -1.16 0.07 6.78
C ALA A 31 -1.33 0.71 5.42
N PHE A 32 -0.27 1.34 4.93
CA PHE A 32 -0.28 1.87 3.59
C PHE A 32 -0.49 0.84 2.47
N GLY A 33 0.20 -0.30 2.34
CA GLY A 33 -0.06 -1.23 1.23
C GLY A 33 -1.51 -1.70 1.25
N ALA A 34 -2.10 -1.86 2.45
CA ALA A 34 -3.49 -2.26 2.67
C ALA A 34 -4.49 -1.21 2.23
N VAL A 35 -4.43 0.07 2.71
CA VAL A 35 -5.44 1.09 2.36
C VAL A 35 -5.34 1.51 0.91
N GLU A 36 -4.16 1.44 0.32
CA GLU A 36 -4.03 1.70 -1.10
C GLU A 36 -4.73 0.61 -1.87
N ALA A 37 -4.47 -0.68 -1.66
CA ALA A 37 -5.19 -1.70 -2.40
C ALA A 37 -6.66 -1.78 -2.02
N ILE A 38 -7.06 -1.40 -0.81
CA ILE A 38 -8.48 -1.38 -0.46
C ILE A 38 -9.17 -0.25 -1.21
N SER A 39 -8.55 0.94 -1.40
CA SER A 39 -9.13 2.01 -2.18
C SER A 39 -9.38 1.55 -3.60
N ASP A 40 -8.35 0.95 -4.21
CA ASP A 40 -8.47 0.42 -5.58
C ASP A 40 -9.61 -0.58 -5.69
N ARG A 41 -9.69 -1.59 -4.80
CA ARG A 41 -10.72 -2.63 -4.84
C ARG A 41 -12.10 -2.09 -4.61
N ILE A 42 -12.32 -1.08 -3.76
CA ILE A 42 -13.63 -0.45 -3.63
C ILE A 42 -14.11 0.08 -4.98
N CYS A 43 -13.23 0.76 -5.70
CA CYS A 43 -13.55 1.28 -7.01
C CYS A 43 -13.80 0.18 -8.05
N ILE A 44 -12.99 -0.87 -8.14
CA ILE A 44 -13.15 -1.95 -9.09
C ILE A 44 -14.42 -2.72 -8.81
N HIS A 45 -14.82 -2.86 -7.57
CA HIS A 45 -15.96 -3.71 -7.33
C HIS A 45 -17.13 -2.89 -6.91
N SER A 46 -17.33 -1.64 -7.30
CA SER A 46 -18.54 -0.99 -6.87
C SER A 46 -19.60 -1.13 -7.95
N ASN A 47 -20.84 -0.86 -7.52
CA ASN A 47 -21.99 -0.60 -8.40
C ASN A 47 -21.66 0.76 -9.04
N VAL A 50 -17.04 3.62 -7.61
CA VAL A 50 -17.22 4.83 -6.81
C VAL A 50 -15.88 4.96 -6.07
N ASN A 51 -15.25 6.11 -6.19
CA ASN A 51 -13.87 6.26 -5.80
C ASN A 51 -13.62 6.96 -4.48
N VAL A 52 -13.17 6.23 -3.45
CA VAL A 52 -12.86 6.77 -2.14
C VAL A 52 -11.37 6.59 -1.82
N GLU A 53 -10.73 7.62 -1.29
CA GLU A 53 -9.39 7.49 -0.75
C GLU A 53 -9.54 7.04 0.71
N VAL A 54 -9.21 5.77 0.98
CA VAL A 54 -9.39 5.20 2.29
C VAL A 54 -8.30 5.71 3.21
N SER A 55 -8.59 6.03 4.45
CA SER A 55 -7.67 6.64 5.37
C SER A 55 -6.58 5.71 5.89
N ALA A 56 -5.33 6.06 5.66
CA ALA A 56 -4.19 5.39 6.24
C ALA A 56 -4.19 5.75 7.73
N GLU A 57 -4.70 6.94 8.12
CA GLU A 57 -4.77 7.40 9.52
C GLU A 57 -5.62 6.49 10.40
N ASP A 58 -6.80 6.16 9.88
CA ASP A 58 -7.70 5.31 10.58
C ASP A 58 -7.13 3.92 10.87
N MET A 59 -6.53 3.35 9.84
CA MET A 59 -5.93 2.04 9.94
C MET A 59 -4.80 2.01 10.94
N LEU A 60 -3.89 3.00 10.74
CA LEU A 60 -2.68 3.18 11.50
C LEU A 60 -2.96 3.38 12.99
N THR A 61 -3.97 4.19 13.35
CA THR A 61 -4.09 4.54 14.76
C THR A 61 -5.09 3.73 15.54
N CYS A 62 -6.06 3.19 14.86
CA CYS A 62 -7.13 2.58 15.61
C CYS A 62 -7.19 1.09 15.60
N CYS A 63 -6.35 0.40 14.83
CA CYS A 63 -6.44 -1.03 14.81
C CYS A 63 -5.87 -1.60 16.09
N GLY A 64 -4.76 -1.08 16.62
CA GLY A 64 -4.24 -1.65 17.85
C GLY A 64 -3.41 -2.90 17.61
N GLY A 65 -3.33 -3.78 18.56
CA GLY A 65 -2.42 -4.90 18.52
C GLY A 65 -2.74 -5.99 17.52
N GLU A 66 -3.96 -6.08 17.02
CA GLU A 66 -4.29 -7.05 15.98
C GLU A 66 -3.50 -6.73 14.73
N CYS A 67 -3.09 -5.48 14.53
CA CYS A 67 -2.31 -5.11 13.37
C CYS A 67 -0.88 -4.94 13.72
N GLY A 68 -0.45 -5.12 14.98
CA GLY A 68 0.94 -4.93 15.31
C GLY A 68 1.18 -3.75 16.22
N ASP A 69 1.96 -2.78 15.77
CA ASP A 69 2.37 -1.73 16.67
C ASP A 69 2.55 -0.38 16.03
N GLY A 70 1.52 0.13 15.40
CA GLY A 70 1.55 1.44 14.82
C GLY A 70 2.75 1.71 13.91
N CYS A 71 3.45 2.80 14.26
CA CYS A 71 4.62 3.28 13.56
C CYS A 71 5.84 2.43 13.75
N ASN A 72 5.76 1.42 14.60
CA ASN A 72 6.82 0.48 14.78
C ASN A 72 6.73 -0.74 13.87
N GLY A 73 5.65 -0.82 13.11
CA GLY A 73 5.50 -1.89 12.14
C GLY A 73 4.30 -2.73 12.49
N GLY A 74 3.87 -3.55 11.57
CA GLY A 74 2.72 -4.35 11.86
C GLY A 74 2.60 -5.54 10.94
N GLU A 75 1.37 -6.04 10.96
CA GLU A 75 0.99 -7.26 10.26
C GLU A 75 -0.04 -7.03 9.17
N PRO A 76 0.35 -7.15 7.89
CA PRO A 76 -0.51 -6.90 6.71
C PRO A 76 -1.88 -7.60 6.72
N SER A 77 -2.01 -8.92 7.01
CA SER A 77 -3.31 -9.57 7.04
C SER A 77 -4.14 -9.06 8.21
N GLY A 78 -3.45 -8.52 9.24
CA GLY A 78 -4.08 -7.90 10.41
C GLY A 78 -4.82 -6.65 9.96
N ALA A 79 -4.19 -5.84 9.08
CA ALA A 79 -4.80 -4.67 8.48
C ALA A 79 -6.06 -5.02 7.66
N TRP A 80 -6.08 -6.06 6.81
CA TRP A 80 -7.25 -6.38 5.98
C TRP A 80 -8.40 -6.87 6.81
N ASN A 81 -8.03 -7.54 7.92
CA ASN A 81 -8.96 -7.93 8.97
C ASN A 81 -9.69 -6.82 9.68
N PHE A 82 -9.01 -5.75 10.06
CA PHE A 82 -9.63 -4.58 10.68
C PHE A 82 -10.66 -4.00 9.72
N TRP A 83 -10.40 -4.00 8.41
CA TRP A 83 -11.33 -3.47 7.44
C TRP A 83 -12.61 -4.30 7.48
N THR A 84 -12.57 -5.61 7.61
CA THR A 84 -13.82 -6.32 7.62
C THR A 84 -14.48 -6.22 8.98
N LYS A 85 -13.74 -6.01 10.08
CA LYS A 85 -14.38 -5.95 11.37
C LYS A 85 -14.87 -4.58 11.78
N LYS A 86 -14.06 -3.57 11.57
CA LYS A 86 -14.30 -2.22 12.00
C LYS A 86 -14.58 -1.25 10.90
N GLY A 87 -14.19 -1.60 9.66
CA GLY A 87 -14.36 -0.72 8.52
C GLY A 87 -13.29 0.36 8.49
N LEU A 88 -13.24 1.10 7.38
CA LEU A 88 -12.33 2.22 7.27
C LEU A 88 -13.01 3.46 6.76
N VAL A 89 -12.69 4.64 7.32
CA VAL A 89 -13.24 5.91 6.88
C VAL A 89 -12.35 6.42 5.74
N SER A 90 -12.75 7.49 5.04
CA SER A 90 -11.96 8.11 4.01
C SER A 90 -10.89 9.05 4.55
N GLY A 91 -9.85 9.41 3.83
CA GLY A 91 -8.89 10.34 4.31
C GLY A 91 -7.78 10.41 3.30
N GLY A 92 -7.42 11.59 2.81
CA GLY A 92 -6.35 11.68 1.84
C GLY A 92 -4.99 12.01 2.46
N LEU A 93 -4.19 12.62 1.61
CA LEU A 93 -2.82 13.01 1.89
C LEU A 93 -2.66 14.04 2.96
N TYR A 94 -1.46 14.18 3.50
CA TYR A 94 -1.24 15.08 4.62
C TYR A 94 -1.58 16.48 4.18
N ASN A 95 -2.32 17.21 5.02
CA ASN A 95 -2.74 18.58 4.73
C ASN A 95 -3.73 18.75 3.57
N SER A 96 -4.33 17.68 3.03
CA SER A 96 -5.23 17.79 1.91
C SER A 96 -6.60 18.29 2.31
N HIS A 97 -7.02 18.02 3.56
CA HIS A 97 -8.39 18.22 3.99
C HIS A 97 -9.37 17.41 3.11
N VAL A 98 -8.99 16.25 2.58
CA VAL A 98 -9.90 15.41 1.80
C VAL A 98 -10.28 14.29 2.76
N GLY A 99 -11.58 14.06 2.95
CA GLY A 99 -12.02 12.93 3.71
C GLY A 99 -12.11 13.18 5.18
N CYS A 100 -12.58 12.15 5.85
CA CYS A 100 -12.77 12.18 7.26
C CYS A 100 -11.47 12.34 8.02
N ARG A 101 -10.45 11.55 7.73
CA ARG A 101 -9.25 11.58 8.56
C ARG A 101 -8.02 11.57 7.67
N PRO A 102 -7.57 12.75 7.17
CA PRO A 102 -6.36 12.87 6.38
C PRO A 102 -5.15 12.32 7.16
N TYR A 103 -4.07 11.95 6.46
CA TYR A 103 -2.86 11.47 7.08
C TYR A 103 -2.26 12.62 7.90
N SER A 104 -1.86 12.41 9.14
CA SER A 104 -1.36 13.51 9.90
C SER A 104 0.14 13.50 9.97
N ILE A 105 0.90 12.65 9.29
CA ILE A 105 2.33 12.69 9.46
C ILE A 105 2.89 13.37 8.20
N PRO A 106 3.73 14.41 8.31
CA PRO A 106 4.25 15.18 7.17
C PRO A 106 4.99 14.31 6.16
N PRO A 107 4.91 14.60 4.85
CA PRO A 107 5.79 14.03 3.83
C PRO A 107 7.26 14.41 4.05
N CYS A 108 8.18 13.52 3.64
CA CYS A 108 9.59 13.73 3.89
C CYS A 108 10.40 13.08 2.78
N GLU A 109 11.71 13.23 2.70
CA GLU A 109 12.50 12.62 1.65
C GLU A 109 12.96 11.27 2.14
N HIS A 110 12.67 10.24 1.36
CA HIS A 110 12.99 8.88 1.73
C HIS A 110 14.24 8.51 0.95
N HIS A 111 15.47 8.56 1.47
CA HIS A 111 16.69 8.13 0.80
C HIS A 111 16.90 8.80 -0.57
N VAL A 112 16.49 10.05 -0.69
CA VAL A 112 16.54 10.80 -1.94
C VAL A 112 16.61 12.24 -1.46
N ASN A 113 17.26 13.10 -2.21
CA ASN A 113 17.33 14.49 -1.81
C ASN A 113 16.23 15.20 -2.52
N GLY A 114 15.70 16.25 -1.93
CA GLY A 114 14.63 17.00 -2.55
C GLY A 114 14.30 18.14 -1.65
N SER A 115 13.11 18.71 -1.85
CA SER A 115 12.66 19.89 -1.12
C SER A 115 12.00 19.65 0.23
N ARG A 116 11.67 18.40 0.57
CA ARG A 116 11.04 18.14 1.85
C ARG A 116 12.15 17.85 2.84
N PRO A 117 11.93 17.93 4.15
CA PRO A 117 12.85 17.44 5.17
C PRO A 117 13.15 15.97 4.95
N PRO A 118 14.34 15.45 5.26
CA PRO A 118 14.61 14.01 5.25
C PRO A 118 13.67 13.28 6.22
N CYS A 119 13.27 12.04 5.97
CA CYS A 119 12.50 11.31 6.94
C CYS A 119 13.51 10.97 8.01
N THR A 120 12.92 10.86 9.18
CA THR A 120 13.62 10.50 10.39
C THR A 120 13.43 9.00 10.53
N GLY A 121 13.49 8.36 11.70
CA GLY A 121 13.22 6.93 11.78
C GLY A 121 11.72 6.75 11.86
N GLU A 122 11.27 5.93 12.79
CA GLU A 122 9.84 5.85 12.98
C GLU A 122 9.63 6.97 14.00
N GLY A 123 8.36 7.32 14.04
CA GLY A 123 7.91 8.40 14.87
C GLY A 123 6.88 7.78 15.79
N ASP A 124 6.06 8.66 16.36
CA ASP A 124 5.07 8.24 17.32
C ASP A 124 3.81 7.97 16.54
N THR A 125 3.06 6.92 16.91
CA THR A 125 1.79 6.60 16.30
C THR A 125 0.85 7.67 16.85
N PRO A 126 0.10 8.36 16.02
CA PRO A 126 -0.92 9.29 16.49
C PRO A 126 -2.05 8.60 17.27
N LYS A 127 -2.87 9.40 17.97
CA LYS A 127 -4.08 8.94 18.65
C LYS A 127 -5.15 8.40 17.70
N CYS A 128 -5.89 7.42 18.21
CA CYS A 128 -7.08 6.92 17.54
C CYS A 128 -8.20 7.86 17.98
N SER A 129 -8.58 8.72 17.05
CA SER A 129 -9.59 9.71 17.27
C SER A 129 -10.73 9.32 16.39
N LYS A 130 -11.89 8.98 16.92
CA LYS A 130 -13.02 8.61 16.10
C LYS A 130 -13.92 9.78 15.68
N THR A 131 -13.33 10.78 15.02
CA THR A 131 -14.03 11.95 14.58
C THR A 131 -13.47 12.30 13.22
N CYS A 132 -14.30 12.91 12.41
CA CYS A 132 -13.84 13.41 11.13
C CYS A 132 -13.37 14.83 11.27
N GLU A 133 -12.57 15.28 10.32
CA GLU A 133 -12.10 16.65 10.28
C GLU A 133 -13.29 17.63 10.20
N PRO A 134 -13.11 18.87 10.70
CA PRO A 134 -14.15 19.89 10.65
C PRO A 134 -14.60 20.19 9.24
N GLY A 135 -15.90 20.08 9.11
CA GLY A 135 -16.50 20.46 7.86
C GLY A 135 -16.82 19.23 7.08
N TYR A 136 -16.32 18.05 7.42
CA TYR A 136 -16.63 16.86 6.68
C TYR A 136 -17.94 16.27 7.18
N SER A 137 -18.70 15.74 6.22
CA SER A 137 -19.88 14.97 6.50
C SER A 137 -19.72 13.69 5.65
N PRO A 138 -20.10 12.48 6.06
CA PRO A 138 -20.79 12.20 7.29
C PRO A 138 -19.90 12.11 8.51
N SER A 139 -20.57 11.72 9.56
CA SER A 139 -19.91 11.32 10.76
C SER A 139 -18.94 10.17 10.57
N TYR A 140 -17.93 10.09 11.46
CA TYR A 140 -16.97 8.99 11.50
C TYR A 140 -17.65 7.64 11.33
N LYS A 141 -18.62 7.36 12.19
CA LYS A 141 -19.36 6.12 12.17
C LYS A 141 -20.03 5.86 10.84
N GLU A 142 -20.46 6.92 10.16
CA GLU A 142 -21.20 6.76 8.95
C GLU A 142 -20.31 6.75 7.71
N ASP A 143 -19.06 7.12 7.88
CA ASP A 143 -18.16 7.20 6.78
C ASP A 143 -17.37 5.90 6.62
N LYS A 144 -17.55 4.92 7.53
CA LYS A 144 -16.83 3.65 7.49
C LYS A 144 -17.21 2.83 6.26
N HIS A 145 -16.22 2.20 5.65
CA HIS A 145 -16.40 1.35 4.49
C HIS A 145 -15.97 -0.04 4.93
N PHE A 146 -16.78 -1.06 4.74
CA PHE A 146 -16.43 -2.40 5.20
C PHE A 146 -16.00 -3.35 4.13
N GLY A 147 -15.08 -4.21 4.53
CA GLY A 147 -14.71 -5.31 3.68
C GLY A 147 -15.56 -6.50 4.07
N CYS A 148 -15.84 -7.41 3.14
CA CYS A 148 -16.59 -8.58 3.48
C CYS A 148 -15.75 -9.84 3.45
N SER A 149 -14.48 -9.81 3.03
CA SER A 149 -13.64 -11.00 3.15
C SER A 149 -12.24 -10.54 3.25
N SER A 150 -11.38 -11.26 3.94
CA SER A 150 -9.97 -10.95 4.09
C SER A 150 -9.24 -12.28 3.83
N TYR A 151 -8.21 -12.43 2.99
CA TYR A 151 -7.59 -13.74 2.79
C TYR A 151 -6.16 -13.61 2.35
N SER A 152 -5.48 -14.75 2.39
CA SER A 152 -4.10 -14.85 1.99
C SER A 152 -3.98 -15.60 0.68
N VAL A 153 -3.05 -15.15 -0.18
CA VAL A 153 -2.85 -15.74 -1.47
C VAL A 153 -1.54 -16.50 -1.39
N ALA A 154 -1.63 -17.75 -1.85
CA ALA A 154 -0.52 -18.68 -1.80
C ALA A 154 0.72 -18.16 -2.50
N ASN A 155 1.90 -18.64 -2.11
CA ASN A 155 3.18 -18.22 -2.66
C ASN A 155 3.29 -19.01 -3.94
N ASN A 156 2.66 -18.45 -4.96
CA ASN A 156 2.53 -19.14 -6.20
C ASN A 156 2.32 -18.06 -7.23
N GLU A 157 3.28 -17.80 -8.12
CA GLU A 157 3.18 -16.67 -9.05
C GLU A 157 1.96 -16.68 -9.95
N LYS A 158 1.49 -17.81 -10.45
CA LYS A 158 0.29 -17.90 -11.25
C LYS A 158 -0.97 -17.56 -10.48
N GLU A 159 -1.16 -18.05 -9.25
CA GLU A 159 -2.29 -17.65 -8.42
C GLU A 159 -2.30 -16.16 -8.08
N ILE A 160 -1.13 -15.54 -7.88
CA ILE A 160 -1.03 -14.11 -7.55
C ILE A 160 -1.45 -13.33 -8.77
N MET A 161 -0.92 -13.70 -9.93
CA MET A 161 -1.27 -13.06 -11.19
C MET A 161 -2.75 -13.19 -11.46
N ALA A 162 -3.33 -14.35 -11.15
CA ALA A 162 -4.75 -14.47 -11.41
C ALA A 162 -5.55 -13.66 -10.41
N GLU A 163 -5.07 -13.49 -9.16
CA GLU A 163 -5.79 -12.69 -8.20
C GLU A 163 -5.77 -11.22 -8.60
N ILE A 164 -4.63 -10.67 -9.04
CA ILE A 164 -4.55 -9.27 -9.42
C ILE A 164 -5.43 -9.03 -10.68
N TYR A 165 -5.31 -9.93 -11.65
CA TYR A 165 -6.08 -9.87 -12.86
C TYR A 165 -7.59 -9.86 -12.62
N LYS A 166 -8.09 -10.71 -11.76
CA LYS A 166 -9.50 -10.84 -11.49
C LYS A 166 -9.97 -9.76 -10.51
N ASN A 167 -9.33 -9.63 -9.35
CA ASN A 167 -9.85 -8.74 -8.34
C ASN A 167 -9.17 -7.41 -8.11
N GLY A 168 -8.03 -7.10 -8.71
CA GLY A 168 -7.39 -5.80 -8.47
C GLY A 168 -6.09 -5.94 -7.70
N PRO A 169 -5.34 -4.85 -7.49
CA PRO A 169 -4.09 -4.89 -6.72
C PRO A 169 -4.18 -5.55 -5.34
N VAL A 170 -3.02 -6.02 -4.96
CA VAL A 170 -2.90 -6.85 -3.78
C VAL A 170 -1.84 -6.23 -2.82
N GLU A 171 -1.76 -6.66 -1.57
CA GLU A 171 -0.71 -6.17 -0.70
C GLU A 171 0.35 -7.27 -0.61
N GLY A 172 1.65 -6.91 -0.58
CA GLY A 172 2.74 -7.86 -0.46
C GLY A 172 3.75 -7.35 0.55
N ALA A 173 4.85 -8.06 0.82
CA ALA A 173 5.92 -7.60 1.71
C ALA A 173 7.16 -8.28 1.18
N PHE A 174 8.33 -7.63 1.32
CA PHE A 174 9.59 -8.25 0.93
C PHE A 174 10.71 -7.77 1.85
N SER A 175 11.92 -8.35 1.85
CA SER A 175 13.08 -7.86 2.63
C SER A 175 13.80 -6.82 1.84
N VAL A 176 14.00 -5.68 2.48
CA VAL A 176 14.76 -4.58 1.86
C VAL A 176 16.25 -4.67 2.23
N TYR A 177 17.13 -4.67 1.24
CA TYR A 177 18.57 -4.61 1.53
C TYR A 177 19.00 -3.20 1.16
N SER A 178 20.13 -2.69 1.64
CA SER A 178 20.51 -1.32 1.31
C SER A 178 20.64 -1.00 -0.18
N ASP A 179 20.85 -1.97 -1.09
CA ASP A 179 20.94 -1.59 -2.50
C ASP A 179 19.61 -1.24 -3.14
N PHE A 180 18.49 -1.56 -2.46
CA PHE A 180 17.16 -1.26 -2.95
C PHE A 180 16.93 0.23 -2.80
N LEU A 181 17.48 0.85 -1.75
CA LEU A 181 17.21 2.24 -1.43
C LEU A 181 17.55 3.20 -2.56
N LEU A 182 18.52 2.77 -3.32
CA LEU A 182 19.04 3.56 -4.40
C LEU A 182 18.43 3.35 -5.76
N TYR A 183 17.39 2.53 -5.86
CA TYR A 183 16.73 2.18 -7.10
C TYR A 183 16.15 3.38 -7.85
N LYS A 184 16.32 3.35 -9.18
CA LYS A 184 15.84 4.37 -10.09
C LYS A 184 15.03 3.80 -11.25
N SER A 185 15.43 2.68 -11.84
CA SER A 185 14.71 2.08 -12.95
C SER A 185 15.18 0.68 -13.22
N GLY A 186 14.46 0.06 -14.16
CA GLY A 186 14.65 -1.32 -14.48
C GLY A 186 14.03 -2.27 -13.45
N VAL A 187 14.47 -3.51 -13.55
CA VAL A 187 13.97 -4.54 -12.68
C VAL A 187 14.96 -4.71 -11.54
N TYR A 188 14.59 -4.38 -10.31
CA TYR A 188 15.46 -4.63 -9.18
C TYR A 188 15.69 -6.14 -8.90
N GLN A 189 16.98 -6.45 -8.63
CA GLN A 189 17.46 -7.73 -8.16
C GLN A 189 18.49 -7.42 -7.08
N HIS A 190 18.45 -8.14 -5.97
CA HIS A 190 19.29 -7.85 -4.83
C HIS A 190 20.70 -8.41 -5.05
N VAL A 191 21.72 -7.55 -4.99
CA VAL A 191 23.11 -7.88 -5.21
C VAL A 191 23.97 -7.67 -3.96
N SER A 192 23.96 -6.52 -3.24
CA SER A 192 24.71 -6.30 -1.96
C SER A 192 23.83 -5.57 -0.95
N GLY A 193 24.33 -5.49 0.28
CA GLY A 193 23.70 -4.64 1.27
C GLY A 193 23.20 -5.40 2.46
N GLU A 194 23.22 -4.66 3.57
CA GLU A 194 22.71 -5.15 4.84
C GLU A 194 21.19 -5.11 4.69
N ILE A 195 20.53 -6.13 5.25
CA ILE A 195 19.09 -6.23 5.32
C ILE A 195 18.71 -5.06 6.24
N MET A 196 17.66 -4.38 5.86
CA MET A 196 17.20 -3.23 6.59
C MET A 196 15.84 -3.39 7.20
N GLY A 197 14.99 -4.36 6.80
CA GLY A 197 13.68 -4.60 7.39
C GLY A 197 12.76 -5.22 6.34
N GLY A 198 11.59 -5.72 6.74
CA GLY A 198 10.57 -6.19 5.85
C GLY A 198 9.80 -4.94 5.42
N HIS A 199 9.29 -4.89 4.21
CA HIS A 199 8.56 -3.74 3.70
C HIS A 199 7.31 -4.21 2.94
N ALA A 200 6.17 -3.68 3.36
CA ALA A 200 4.89 -3.97 2.78
C ALA A 200 4.55 -2.90 1.75
N ILE A 201 4.10 -3.33 0.58
CA ILE A 201 3.89 -2.46 -0.56
C ILE A 201 2.61 -2.91 -1.30
N ARG A 202 2.26 -2.27 -2.42
CA ARG A 202 1.08 -2.68 -3.14
C ARG A 202 1.49 -3.24 -4.49
N ILE A 203 1.09 -4.44 -4.89
CA ILE A 203 1.45 -4.96 -6.21
C ILE A 203 0.29 -4.78 -7.16
N LEU A 204 0.56 -4.19 -8.34
CA LEU A 204 -0.48 -3.85 -9.32
C LEU A 204 -0.32 -4.30 -10.76
N GLY A 205 0.62 -5.19 -11.05
CA GLY A 205 0.78 -5.72 -12.38
C GLY A 205 2.06 -6.52 -12.49
N TRP A 206 2.40 -6.89 -13.71
CA TRP A 206 3.56 -7.71 -13.99
C TRP A 206 3.93 -7.48 -15.44
N GLY A 207 5.12 -7.86 -15.86
CA GLY A 207 5.46 -7.80 -17.26
C GLY A 207 6.78 -8.52 -17.42
N VAL A 208 7.41 -8.32 -18.57
CA VAL A 208 8.74 -8.86 -18.83
C VAL A 208 9.61 -7.72 -19.37
N GLU A 209 10.65 -7.27 -18.67
CA GLU A 209 11.51 -6.19 -19.16
C GLU A 209 12.75 -6.90 -19.56
N ASN A 210 12.95 -6.79 -20.89
CA ASN A 210 14.01 -7.42 -21.65
C ASN A 210 14.51 -8.77 -21.13
N GLY A 211 13.53 -9.64 -21.18
CA GLY A 211 13.74 -11.02 -20.81
C GLY A 211 13.50 -11.25 -19.34
N THR A 212 13.57 -10.25 -18.47
CA THR A 212 13.42 -10.43 -17.04
C THR A 212 11.98 -10.24 -16.61
N PRO A 213 11.25 -11.27 -16.12
CA PRO A 213 9.89 -11.13 -15.65
C PRO A 213 9.90 -10.29 -14.38
N TYR A 214 8.90 -9.44 -14.18
CA TYR A 214 8.85 -8.59 -13.00
C TYR A 214 7.43 -8.41 -12.52
N TRP A 215 7.34 -7.91 -11.27
CA TRP A 215 6.13 -7.46 -10.64
C TRP A 215 6.22 -5.94 -10.60
N LEU A 216 5.12 -5.26 -10.95
CA LEU A 216 4.99 -3.81 -10.97
C LEU A 216 4.52 -3.45 -9.58
N VAL A 217 5.31 -2.67 -8.84
CA VAL A 217 5.03 -2.42 -7.44
C VAL A 217 5.00 -0.93 -7.18
N ALA A 218 4.09 -0.52 -6.30
CA ALA A 218 4.00 0.86 -5.93
C ALA A 218 4.38 0.97 -4.47
N ASN A 219 5.34 1.87 -4.24
CA ASN A 219 5.91 2.11 -2.93
C ASN A 219 5.18 3.30 -2.26
N SER A 220 5.46 3.62 -0.99
CA SER A 220 4.83 4.69 -0.23
C SER A 220 5.88 5.70 0.26
N TRP A 221 6.87 5.93 -0.62
CA TRP A 221 7.97 6.85 -0.35
C TRP A 221 7.92 8.12 -1.18
N ASN A 222 6.70 8.49 -1.57
CA ASN A 222 6.43 9.69 -2.37
C ASN A 222 6.88 9.49 -3.81
N THR A 223 6.56 10.40 -4.70
CA THR A 223 6.84 10.19 -6.09
C THR A 223 8.24 10.50 -6.56
N ASP A 224 9.05 11.17 -5.77
CA ASP A 224 10.43 11.40 -6.18
C ASP A 224 11.39 10.28 -5.81
N TRP A 225 10.91 9.14 -5.33
CA TRP A 225 11.79 8.03 -5.07
C TRP A 225 11.50 7.08 -6.24
N GLY A 226 12.54 6.40 -6.72
CA GLY A 226 12.44 5.38 -7.75
C GLY A 226 11.85 5.88 -9.03
N ASP A 227 11.04 5.06 -9.66
CA ASP A 227 10.43 5.41 -10.93
C ASP A 227 9.06 6.07 -10.70
N ASN A 228 9.09 7.36 -10.32
CA ASN A 228 7.89 8.08 -9.93
C ASN A 228 7.12 7.37 -8.84
N GLY A 229 7.83 6.79 -7.87
CA GLY A 229 7.25 6.10 -6.74
C GLY A 229 7.01 4.59 -6.94
N PHE A 230 7.09 4.08 -8.16
CA PHE A 230 6.87 2.68 -8.49
C PHE A 230 8.22 2.03 -8.69
N PHE A 231 8.31 0.71 -8.66
CA PHE A 231 9.55 0.01 -9.00
C PHE A 231 9.16 -1.35 -9.57
N LYS A 232 10.11 -2.07 -10.15
CA LYS A 232 9.89 -3.37 -10.73
C LYS A 232 10.79 -4.28 -9.95
N ILE A 233 10.32 -5.46 -9.58
CA ILE A 233 11.19 -6.39 -8.86
C ILE A 233 11.01 -7.74 -9.53
N LEU A 234 12.09 -8.50 -9.60
CA LEU A 234 12.12 -9.84 -10.18
C LEU A 234 10.96 -10.74 -9.71
N ARG A 235 10.29 -11.40 -10.66
CA ARG A 235 9.16 -12.28 -10.43
C ARG A 235 9.47 -13.74 -10.75
N GLY A 236 8.81 -14.61 -10.00
CA GLY A 236 8.88 -16.04 -10.21
C GLY A 236 9.91 -16.73 -9.33
N GLN A 237 10.79 -16.08 -8.59
CA GLN A 237 11.79 -16.80 -7.84
C GLN A 237 11.71 -16.55 -6.36
N ASP A 238 10.56 -16.02 -5.94
CA ASP A 238 10.30 -15.48 -4.60
C ASP A 238 11.47 -14.63 -4.09
N HIS A 239 11.83 -13.69 -4.95
CA HIS A 239 12.99 -12.85 -4.71
C HIS A 239 12.73 -11.88 -3.54
N CYS A 240 13.60 -11.94 -2.52
CA CYS A 240 13.48 -11.17 -1.26
C CYS A 240 12.12 -11.44 -0.62
N GLY A 241 11.57 -12.61 -0.94
CA GLY A 241 10.31 -13.01 -0.36
C GLY A 241 9.15 -12.28 -0.98
N ILE A 242 9.30 -11.66 -2.17
CA ILE A 242 8.23 -10.88 -2.73
C ILE A 242 6.91 -11.63 -2.93
N GLU A 243 6.97 -12.94 -3.20
CA GLU A 243 5.74 -13.69 -3.41
C GLU A 243 5.24 -14.40 -2.15
N SER A 244 5.83 -14.18 -0.98
CA SER A 244 5.54 -15.00 0.16
C SER A 244 4.48 -14.52 1.12
N GLU A 245 3.95 -13.32 0.96
CA GLU A 245 3.09 -12.81 1.99
C GLU A 245 2.08 -11.92 1.33
N ILE A 246 1.41 -12.46 0.31
CA ILE A 246 0.38 -11.73 -0.43
C ILE A 246 -0.94 -11.86 0.34
N VAL A 247 -1.59 -10.72 0.54
CA VAL A 247 -2.88 -10.68 1.22
C VAL A 247 -3.80 -9.75 0.41
N ALA A 248 -5.11 -10.03 0.43
CA ALA A 248 -6.10 -9.26 -0.29
C ALA A 248 -7.45 -9.49 0.40
N GLY A 249 -8.55 -9.03 -0.15
CA GLY A 249 -9.85 -9.16 0.44
C GLY A 249 -10.84 -8.44 -0.46
N MET A 250 -12.13 -8.65 -0.24
CA MET A 250 -13.16 -8.11 -1.12
C MET A 250 -14.08 -7.13 -0.40
N PRO A 251 -14.54 -5.99 -0.96
CA PRO A 251 -15.44 -5.05 -0.29
C PRO A 251 -16.86 -5.56 -0.16
N CYS A 252 -17.60 -5.10 0.81
CA CYS A 252 -18.99 -5.44 0.88
C CYS A 252 -19.74 -4.68 -0.21
N THR A 253 -20.77 -5.45 -0.61
CA THR A 253 -21.75 -5.33 -1.69
C THR A 253 -20.84 -5.40 -2.90
#